data_2F2E
#
_entry.id   2F2E
#
_cell.length_a   46.884
_cell.length_b   78.865
_cell.length_c   78.941
_cell.angle_alpha   90.00
_cell.angle_beta   91.64
_cell.angle_gamma   90.00
#
_symmetry.space_group_name_H-M   'C 1 2 1'
#
loop_
_entity.id
_entity.type
_entity.pdbx_description
1 polymer PA1607
2 non-polymer 'SULFATE ION'
3 non-polymer alpha-D-glucopyranose
4 water water
#
_entity_poly.entity_id   1
_entity_poly.type   'polypeptide(L)'
_entity_poly.pdbx_seq_one_letter_code
;(MSE)VKRTSHKQASCPVARPLDVIGDGWS(MSE)LIVRDAFEGLTRFGEFQKSLGLAKNILAARLRNLVEHGV(MSE)V
AVPAESGSHQEYRLTDKGRALFPLLVAIRQWGEDYFFAPDESHVRLVERDSGQPVPRLQVRAGDGSPLAAEDTRVSRD
;
_entity_poly.pdbx_strand_id   A,B
#
loop_
_chem_comp.id
_chem_comp.type
_chem_comp.name
_chem_comp.formula
GLC D-saccharide, alpha linking alpha-D-glucopyranose 'C6 H12 O6'
SO4 non-polymer 'SULFATE ION' 'O4 S -2'
#
# COMPACT_ATOMS: atom_id res chain seq x y z
N THR A 5 4.59 16.48 1.24
CA THR A 5 3.72 16.33 2.45
C THR A 5 2.41 17.13 2.29
N SER A 6 1.59 16.76 1.31
CA SER A 6 0.39 17.53 1.10
C SER A 6 -0.87 16.93 1.74
N HIS A 7 -0.77 15.70 2.25
CA HIS A 7 -1.90 15.15 3.02
C HIS A 7 -1.69 15.27 4.51
N LYS A 8 -0.76 16.15 4.93
CA LYS A 8 -0.36 16.15 6.35
C LYS A 8 -1.53 16.44 7.28
N GLN A 9 -2.43 17.31 6.84
CA GLN A 9 -3.59 17.66 7.64
C GLN A 9 -4.89 17.10 7.10
N ALA A 10 -4.85 16.15 6.17
CA ALA A 10 -6.07 15.49 5.71
C ALA A 10 -6.76 14.86 6.89
N SER A 11 -8.10 14.85 6.88
CA SER A 11 -8.80 14.09 7.92
C SER A 11 -8.71 12.57 7.72
N CYS A 12 -8.38 12.10 6.51
CA CYS A 12 -8.46 10.66 6.17
C CYS A 12 -7.19 9.86 6.53
N PRO A 13 -7.33 8.73 7.25
CA PRO A 13 -6.20 7.83 7.57
C PRO A 13 -5.53 7.17 6.37
N VAL A 14 -6.25 7.05 5.25
CA VAL A 14 -5.58 6.53 4.06
C VAL A 14 -4.63 7.60 3.48
N ALA A 15 -5.04 8.85 3.54
CA ALA A 15 -4.34 9.92 2.82
C ALA A 15 -3.06 10.28 3.51
N ARG A 16 -3.09 10.38 4.85
CA ARG A 16 -1.88 10.88 5.53
C ARG A 16 -0.62 10.07 5.21
N PRO A 17 -0.69 8.71 5.25
CA PRO A 17 0.45 7.88 4.82
C PRO A 17 0.98 8.00 3.40
N LEU A 18 0.19 8.51 2.46
CA LEU A 18 0.65 8.59 1.06
C LEU A 18 1.79 9.64 0.92
N ASP A 19 1.86 10.57 1.86
CA ASP A 19 2.98 11.55 1.87
C ASP A 19 4.31 10.83 2.02
N VAL A 20 4.26 9.66 2.63
CA VAL A 20 5.41 8.89 3.03
C VAL A 20 5.71 7.76 2.06
N ILE A 21 4.66 7.07 1.59
CA ILE A 21 4.84 5.91 0.76
C ILE A 21 4.29 6.02 -0.65
N GLY A 22 3.61 7.12 -0.96
CA GLY A 22 3.02 7.32 -2.27
C GLY A 22 4.01 7.85 -3.28
N ASP A 23 4.97 7.00 -3.66
CA ASP A 23 5.97 7.35 -4.67
C ASP A 23 6.52 6.01 -5.22
N GLY A 24 7.40 6.10 -6.22
CA GLY A 24 7.98 4.94 -6.87
C GLY A 24 9.05 4.11 -6.16
N TRP A 25 9.47 4.51 -4.96
CA TRP A 25 10.67 3.95 -4.37
C TRP A 25 10.62 3.67 -2.89
N SER A 26 9.87 4.45 -2.11
CA SER A 26 9.85 4.27 -0.63
C SER A 26 9.60 2.84 -0.19
N MSE A 27 8.57 2.22 -0.78
CA MSE A 27 8.25 0.86 -0.39
C MSE A 27 9.29 -0.14 -0.90
O MSE A 27 9.32 -1.27 -0.38
CB MSE A 27 6.84 0.47 -0.82
CG MSE A 27 5.74 1.25 -0.09
SE MSE A 27 5.73 1.12 1.83
CE MSE A 27 5.63 -0.96 2.04
N LEU A 28 10.15 0.25 -1.84
CA LEU A 28 11.25 -0.63 -2.21
C LEU A 28 12.47 -0.54 -1.27
N ILE A 29 12.74 0.67 -0.78
CA ILE A 29 13.69 0.83 0.30
C ILE A 29 13.21 -0.02 1.50
N VAL A 30 11.91 0.08 1.81
CA VAL A 30 11.36 -0.69 2.92
C VAL A 30 11.44 -2.20 2.62
N ARG A 31 11.12 -2.60 1.39
CA ARG A 31 11.31 -3.99 0.95
C ARG A 31 12.71 -4.51 1.30
N ASP A 32 13.70 -3.71 0.93
CA ASP A 32 15.11 -4.05 1.15
C ASP A 32 15.49 -4.12 2.62
N ALA A 33 14.92 -3.24 3.43
CA ALA A 33 15.14 -3.19 4.88
C ALA A 33 14.69 -4.50 5.49
N PHE A 34 13.53 -4.97 5.03
CA PHE A 34 13.00 -6.25 5.53
C PHE A 34 13.86 -7.41 5.09
N GLU A 35 14.65 -7.22 4.04
CA GLU A 35 15.59 -8.23 3.58
C GLU A 35 16.98 -8.06 4.19
N GLY A 36 17.13 -7.10 5.10
CA GLY A 36 18.33 -7.02 5.91
C GLY A 36 19.36 -6.03 5.41
N LEU A 37 19.04 -5.27 4.36
CA LEU A 37 19.91 -4.18 3.96
C LEU A 37 19.85 -3.02 4.95
N THR A 38 21.01 -2.48 5.32
CA THR A 38 21.04 -1.34 6.25
C THR A 38 21.97 -0.21 5.78
N ARG A 39 22.86 -0.50 4.85
CA ARG A 39 23.87 0.48 4.48
C ARG A 39 23.52 1.18 3.19
N PHE A 40 23.89 2.46 3.11
CA PHE A 40 23.62 3.26 1.94
C PHE A 40 24.06 2.48 0.68
N GLY A 41 25.32 1.99 0.67
CA GLY A 41 25.86 1.28 -0.51
C GLY A 41 25.04 0.04 -0.90
N GLU A 42 24.44 -0.60 0.10
CA GLU A 42 23.60 -1.78 -0.18
C GLU A 42 22.32 -1.36 -0.89
N PHE A 43 21.67 -0.32 -0.37
CA PHE A 43 20.45 0.15 -1.07
C PHE A 43 20.74 0.61 -2.50
N GLN A 44 21.88 1.27 -2.69
CA GLN A 44 22.27 1.81 -3.99
C GLN A 44 22.49 0.71 -5.03
N LYS A 45 23.22 -0.34 -4.67
CA LYS A 45 23.42 -1.46 -5.59
C LYS A 45 22.11 -2.23 -5.86
N SER A 46 21.29 -2.43 -4.82
CA SER A 46 19.97 -3.03 -4.97
C SER A 46 19.01 -2.23 -5.88
N LEU A 47 18.89 -0.93 -5.64
CA LEU A 47 17.85 -0.15 -6.29
C LEU A 47 18.24 0.51 -7.61
N GLY A 48 19.54 0.63 -7.88
CA GLY A 48 19.99 1.26 -9.12
C GLY A 48 19.42 2.67 -9.22
N LEU A 49 19.08 3.24 -8.08
CA LEU A 49 18.56 4.59 -8.02
C LEU A 49 19.73 5.54 -7.90
N ALA A 50 19.74 6.64 -8.67
CA ALA A 50 20.79 7.64 -8.55
C ALA A 50 21.05 7.99 -7.09
N LYS A 51 22.33 8.07 -6.77
CA LYS A 51 22.83 8.15 -5.42
C LYS A 51 22.27 9.34 -4.64
N ASN A 52 22.48 10.54 -5.16
CA ASN A 52 21.93 11.74 -4.54
C ASN A 52 20.43 11.62 -4.23
N ILE A 53 19.69 11.04 -5.18
CA ILE A 53 18.24 10.84 -5.04
C ILE A 53 17.82 9.72 -4.05
N LEU A 54 18.60 8.63 -4.02
CA LEU A 54 18.39 7.61 -3.01
C LEU A 54 18.59 8.22 -1.64
N ALA A 55 19.64 9.05 -1.54
CA ALA A 55 19.98 9.77 -0.32
C ALA A 55 18.81 10.59 0.15
N ALA A 56 18.18 11.34 -0.76
CA ALA A 56 16.99 12.12 -0.42
C ALA A 56 15.81 11.27 0.12
N ARG A 57 15.49 10.16 -0.53
CA ARG A 57 14.36 9.35 -0.12
C ARG A 57 14.62 8.73 1.23
N LEU A 58 15.88 8.39 1.47
CA LEU A 58 16.25 7.77 2.76
C LEU A 58 16.05 8.82 3.84
N ARG A 59 16.69 9.99 3.64
CA ARG A 59 16.56 11.09 4.61
C ARG A 59 15.08 11.38 4.84
N ASN A 60 14.27 11.32 3.81
CA ASN A 60 12.82 11.48 4.01
C ASN A 60 12.03 10.40 4.80
N LEU A 61 12.36 9.13 4.57
CA LEU A 61 11.91 8.07 5.49
C LEU A 61 12.31 8.26 6.94
N VAL A 62 13.51 8.80 7.16
CA VAL A 62 13.96 9.13 8.48
C VAL A 62 13.09 10.23 9.08
N GLU A 63 12.85 11.30 8.32
CA GLU A 63 12.05 12.41 8.79
C GLU A 63 10.62 12.00 9.16
N HIS A 64 10.04 11.07 8.39
CA HIS A 64 8.70 10.56 8.62
C HIS A 64 8.67 9.47 9.68
N GLY A 65 9.82 9.16 10.28
CA GLY A 65 9.82 8.17 11.38
C GLY A 65 9.75 6.70 11.00
N VAL A 66 9.94 6.39 9.73
CA VAL A 66 9.87 5.01 9.22
C VAL A 66 11.22 4.31 9.46
N MSE A 67 12.30 5.09 9.39
CA MSE A 67 13.62 4.58 9.76
C MSE A 67 14.36 5.54 10.64
O MSE A 67 13.96 6.73 10.78
CB MSE A 67 14.49 4.40 8.51
CG MSE A 67 13.82 3.53 7.48
SE MSE A 67 14.88 3.52 5.93
CE MSE A 67 15.22 1.62 6.23
N VAL A 68 15.45 5.05 11.22
CA VAL A 68 16.51 5.95 11.80
C VAL A 68 17.85 5.70 11.15
N ALA A 69 18.73 6.71 11.15
CA ALA A 69 20.07 6.58 10.59
C ALA A 69 20.99 6.72 11.78
N VAL A 70 21.65 5.66 12.19
CA VAL A 70 22.51 5.73 13.40
C VAL A 70 23.92 5.25 13.07
N PRO A 71 24.93 5.77 13.78
CA PRO A 71 26.29 5.27 13.55
C PRO A 71 26.36 3.75 13.80
N ALA A 72 27.01 3.02 12.89
CA ALA A 72 27.31 1.63 13.17
C ALA A 72 28.11 1.51 14.48
N GLU A 73 27.71 0.54 15.32
CA GLU A 73 28.27 0.30 16.66
C GLU A 73 29.73 -0.12 16.69
N SER A 74 30.24 -0.55 15.55
CA SER A 74 31.67 -0.79 15.39
C SER A 74 32.00 -0.31 14.01
N GLY A 75 32.68 0.82 13.92
CA GLY A 75 33.13 1.30 12.63
C GLY A 75 32.67 2.67 12.23
N SER A 76 33.11 3.05 11.04
CA SER A 76 32.97 4.40 10.53
C SER A 76 31.99 4.41 9.37
N HIS A 77 30.71 4.07 9.65
CA HIS A 77 29.67 4.21 8.65
C HIS A 77 28.29 4.34 9.37
N GLN A 78 27.27 4.76 8.64
CA GLN A 78 25.92 4.92 9.18
C GLN A 78 25.12 3.72 8.76
N GLU A 79 24.17 3.31 9.61
CA GLU A 79 23.26 2.24 9.29
C GLU A 79 21.82 2.81 9.29
N TYR A 80 20.97 2.30 8.40
CA TYR A 80 19.55 2.66 8.35
C TYR A 80 18.76 1.52 8.94
N ARG A 81 17.93 1.81 9.93
CA ARG A 81 17.15 0.76 10.63
C ARG A 81 15.69 1.13 10.69
N LEU A 82 14.81 0.15 10.45
CA LEU A 82 13.37 0.37 10.57
C LEU A 82 13.10 0.70 12.01
N THR A 83 12.16 1.61 12.22
CA THR A 83 11.64 1.82 13.57
C THR A 83 10.44 0.88 13.79
N ASP A 84 9.86 0.88 14.99
CA ASP A 84 8.54 0.21 15.16
C ASP A 84 7.53 0.64 14.07
N LYS A 85 7.37 1.96 13.84
CA LYS A 85 6.48 2.45 12.78
C LYS A 85 6.84 1.84 11.41
N GLY A 86 8.14 1.74 11.12
CA GLY A 86 8.60 1.20 9.83
C GLY A 86 8.38 -0.28 9.78
N ARG A 87 8.59 -1.00 10.89
CA ARG A 87 8.39 -2.44 10.86
C ARG A 87 6.93 -2.79 10.66
N ALA A 88 6.08 -1.88 11.14
CA ALA A 88 4.62 -2.01 11.09
C ALA A 88 4.07 -1.95 9.65
N LEU A 89 4.93 -1.55 8.70
CA LEU A 89 4.59 -1.66 7.29
C LEU A 89 4.53 -3.06 6.70
N PHE A 90 4.90 -4.09 7.45
CA PHE A 90 5.00 -5.41 6.84
C PHE A 90 3.68 -5.85 6.21
N PRO A 91 2.55 -5.74 6.94
CA PRO A 91 1.27 -6.12 6.25
C PRO A 91 1.02 -5.39 4.93
N LEU A 92 1.22 -4.06 4.91
CA LEU A 92 1.06 -3.25 3.74
C LEU A 92 1.98 -3.77 2.61
N LEU A 93 3.24 -4.06 2.96
CA LEU A 93 4.20 -4.63 2.01
C LEU A 93 3.72 -5.95 1.39
N VAL A 94 3.28 -6.88 2.25
CA VAL A 94 2.71 -8.13 1.77
C VAL A 94 1.53 -7.91 0.81
N ALA A 95 0.64 -6.98 1.18
CA ALA A 95 -0.50 -6.66 0.34
C ALA A 95 -0.06 -6.17 -1.05
N ILE A 96 0.93 -5.24 -1.11
CA ILE A 96 1.47 -4.79 -2.39
C ILE A 96 2.07 -5.97 -3.15
N ARG A 97 2.98 -6.72 -2.53
CA ARG A 97 3.60 -7.90 -3.19
C ARG A 97 2.52 -8.82 -3.83
N GLN A 98 1.47 -9.14 -3.06
CA GLN A 98 0.50 -10.11 -3.56
C GLN A 98 -0.33 -9.53 -4.71
N TRP A 99 -0.72 -8.27 -4.62
CA TRP A 99 -1.42 -7.64 -5.76
C TRP A 99 -0.50 -7.63 -6.99
N GLY A 100 0.78 -7.39 -6.76
CA GLY A 100 1.75 -7.47 -7.85
C GLY A 100 1.84 -8.86 -8.47
N GLU A 101 1.89 -9.88 -7.60
CA GLU A 101 1.87 -11.28 -8.03
C GLU A 101 0.59 -11.69 -8.80
N ASP A 102 -0.55 -11.26 -8.30
CA ASP A 102 -1.85 -11.58 -8.89
C ASP A 102 -2.10 -10.96 -10.27
N TYR A 103 -1.62 -9.76 -10.51
CA TYR A 103 -2.06 -8.99 -11.67
C TYR A 103 -0.99 -8.39 -12.57
N PHE A 104 0.29 -8.58 -12.25
CA PHE A 104 1.35 -7.83 -12.95
C PHE A 104 2.32 -8.70 -13.74
N PHE A 105 2.09 -10.01 -13.75
CA PHE A 105 3.01 -10.93 -14.43
C PHE A 105 2.28 -11.79 -15.47
N ALA A 106 2.91 -11.96 -16.62
CA ALA A 106 2.51 -12.95 -17.60
C ALA A 106 2.49 -14.33 -16.94
N PRO A 107 1.60 -15.25 -17.40
CA PRO A 107 1.60 -16.57 -16.76
C PRO A 107 2.95 -17.25 -16.99
N ASP A 108 3.64 -16.80 -18.03
CA ASP A 108 4.97 -17.25 -18.42
C ASP A 108 6.12 -16.73 -17.53
N GLU A 109 5.81 -15.80 -16.65
CA GLU A 109 6.85 -15.10 -15.89
C GLU A 109 7.03 -15.67 -14.51
N SER A 110 8.30 -15.77 -14.09
CA SER A 110 8.64 -16.16 -12.74
C SER A 110 9.01 -14.91 -11.94
N HIS A 111 8.94 -15.03 -10.61
CA HIS A 111 9.39 -13.97 -9.72
C HIS A 111 9.69 -14.59 -8.36
N VAL A 112 10.35 -13.82 -7.50
CA VAL A 112 10.63 -14.24 -6.14
C VAL A 112 9.34 -14.50 -5.37
N ARG A 113 9.45 -15.28 -4.30
CA ARG A 113 8.28 -15.55 -3.46
C ARG A 113 8.57 -15.26 -1.99
N LEU A 114 7.57 -14.74 -1.28
CA LEU A 114 7.67 -14.59 0.16
C LEU A 114 7.26 -15.93 0.80
N VAL A 115 8.18 -16.52 1.57
CA VAL A 115 7.94 -17.82 2.20
C VAL A 115 8.21 -17.81 3.72
N GLU A 116 7.58 -18.75 4.44
CA GLU A 116 7.84 -19.00 5.87
C GLU A 116 9.27 -19.54 6.06
N ARG A 117 10.04 -18.99 7.00
CA ARG A 117 11.43 -19.45 7.22
C ARG A 117 11.46 -20.91 7.64
N ASP A 118 10.50 -21.30 8.49
CA ASP A 118 10.47 -22.65 9.07
C ASP A 118 10.24 -23.68 7.97
N SER A 119 9.09 -23.58 7.32
CA SER A 119 8.59 -24.59 6.42
C SER A 119 8.90 -24.27 4.97
N GLY A 120 9.05 -22.98 4.73
CA GLY A 120 8.31 -22.28 3.69
C GLY A 120 8.64 -22.64 2.30
N GLN A 121 7.66 -22.76 1.40
CA GLN A 121 6.19 -22.53 1.58
C GLN A 121 5.74 -21.08 1.64
N PRO A 122 5.11 -20.67 0.54
CA PRO A 122 4.69 -19.29 0.33
C PRO A 122 3.78 -18.87 1.47
N VAL A 123 3.92 -17.61 1.87
CA VAL A 123 3.02 -17.04 2.84
C VAL A 123 1.63 -16.93 2.23
N PRO A 124 0.61 -17.38 2.99
CA PRO A 124 -0.78 -17.32 2.53
C PRO A 124 -1.22 -15.94 2.10
N ARG A 125 -2.12 -15.90 1.14
CA ARG A 125 -2.73 -14.63 0.70
C ARG A 125 -3.33 -13.94 1.94
N LEU A 126 -3.15 -12.63 2.03
CA LEU A 126 -3.82 -11.83 3.04
CA LEU A 126 -3.77 -11.87 3.10
C LEU A 126 -5.31 -11.89 2.88
N GLN A 127 -6.05 -11.61 3.93
CA GLN A 127 -7.49 -11.64 3.83
C GLN A 127 -8.03 -10.65 4.83
N VAL A 128 -8.80 -9.69 4.35
CA VAL A 128 -9.58 -8.83 5.23
C VAL A 128 -10.64 -9.73 5.83
N ARG A 129 -10.80 -9.67 7.17
CA ARG A 129 -11.74 -10.55 7.87
C ARG A 129 -12.61 -9.72 8.82
N ALA A 130 -13.80 -10.24 9.05
CA ALA A 130 -14.69 -9.74 10.07
C ALA A 130 -14.26 -10.14 11.49
N GLY A 131 -14.92 -9.55 12.48
CA GLY A 131 -14.71 -9.86 13.88
C GLY A 131 -14.80 -11.33 14.16
N ASP A 132 -15.69 -12.02 13.45
CA ASP A 132 -15.86 -13.48 13.64
C ASP A 132 -14.80 -14.38 12.93
N GLY A 133 -13.85 -13.74 12.26
CA GLY A 133 -12.79 -14.42 11.50
C GLY A 133 -13.10 -14.71 10.04
N SER A 134 -14.32 -14.45 9.59
CA SER A 134 -14.74 -14.80 8.22
C SER A 134 -14.27 -13.78 7.20
N PRO A 135 -13.96 -14.22 5.96
CA PRO A 135 -13.57 -13.27 4.88
C PRO A 135 -14.62 -12.22 4.70
N LEU A 136 -14.16 -10.99 4.52
CA LEU A 136 -15.03 -9.84 4.43
C LEU A 136 -14.72 -9.10 3.14
N ALA A 137 -15.76 -8.97 2.30
CA ALA A 137 -15.70 -8.26 1.04
C ALA A 137 -15.84 -6.77 1.28
N ALA A 138 -15.22 -5.96 0.41
CA ALA A 138 -15.36 -4.50 0.50
C ALA A 138 -16.84 -4.05 0.64
N GLU A 139 -17.72 -4.71 -0.11
CA GLU A 139 -19.13 -4.31 -0.19
C GLU A 139 -19.85 -4.59 1.13
N ASP A 140 -19.24 -5.44 1.95
CA ASP A 140 -19.74 -5.73 3.28
C ASP A 140 -19.15 -4.82 4.38
N THR A 141 -18.50 -3.74 3.96
CA THR A 141 -18.00 -2.77 4.90
C THR A 141 -18.52 -1.41 4.55
N ARG A 142 -18.33 -0.45 5.45
CA ARG A 142 -18.59 0.92 5.11
C ARG A 142 -17.73 1.82 5.97
N VAL A 143 -17.66 3.08 5.58
CA VAL A 143 -16.86 4.06 6.31
C VAL A 143 -17.77 4.89 7.17
N SER A 144 -17.46 4.94 8.46
CA SER A 144 -18.36 5.51 9.45
C SER A 144 -17.71 6.68 10.19
N ARG A 145 -18.46 7.77 10.32
CA ARG A 145 -18.10 8.79 11.30
C ARG A 145 -18.45 8.37 12.76
N ASP A 146 -18.54 7.04 12.99
CA ASP A 146 -19.00 6.39 14.25
C ASP A 146 -20.16 7.11 14.96
N SER B 6 8.00 2.03 -16.26
CA SER B 6 9.06 2.55 -15.32
C SER B 6 9.71 1.42 -14.49
N HIS B 7 8.95 0.84 -13.56
CA HIS B 7 9.24 -0.50 -12.97
C HIS B 7 8.55 -1.65 -13.72
N LYS B 8 8.10 -1.42 -14.95
CA LYS B 8 7.20 -2.36 -15.59
C LYS B 8 7.95 -3.64 -15.95
N GLN B 9 9.27 -3.51 -15.98
CA GLN B 9 10.19 -4.58 -16.32
C GLN B 9 11.16 -4.80 -15.14
N ALA B 10 10.72 -4.43 -13.93
CA ALA B 10 11.37 -4.93 -12.73
C ALA B 10 10.90 -6.36 -12.68
N SER B 11 11.74 -7.26 -12.19
CA SER B 11 11.29 -8.60 -11.87
C SER B 11 10.47 -8.63 -10.56
N CYS B 12 10.50 -7.54 -9.81
CA CYS B 12 9.94 -7.50 -8.44
C CYS B 12 8.42 -7.29 -8.39
N PRO B 13 7.65 -8.19 -7.73
CA PRO B 13 6.20 -8.00 -7.61
C PRO B 13 5.82 -6.79 -6.75
N VAL B 14 6.74 -6.31 -5.92
CA VAL B 14 6.44 -5.09 -5.15
C VAL B 14 6.58 -3.85 -6.08
N ALA B 15 7.62 -3.85 -6.92
CA ALA B 15 7.91 -2.70 -7.76
C ALA B 15 6.90 -2.46 -8.88
N ARG B 16 6.47 -3.52 -9.56
CA ARG B 16 5.56 -3.35 -10.73
C ARG B 16 4.31 -2.55 -10.35
N PRO B 17 3.63 -2.93 -9.25
CA PRO B 17 2.44 -2.17 -8.84
C PRO B 17 2.71 -0.71 -8.45
N LEU B 18 3.94 -0.36 -8.06
CA LEU B 18 4.22 1.04 -7.71
C LEU B 18 4.02 1.99 -8.90
N ASP B 19 4.12 1.45 -10.10
CA ASP B 19 3.95 2.26 -11.31
C ASP B 19 2.55 2.80 -11.37
N VAL B 20 1.62 2.06 -10.76
CA VAL B 20 0.21 2.35 -10.79
C VAL B 20 -0.26 3.09 -9.54
N ILE B 21 0.21 2.67 -8.37
CA ILE B 21 -0.30 3.20 -7.11
C ILE B 21 0.74 4.00 -6.31
N GLY B 22 1.98 4.10 -6.84
CA GLY B 22 3.03 4.81 -6.11
C GLY B 22 3.02 6.32 -6.38
N ASP B 23 1.96 7.00 -5.88
CA ASP B 23 1.79 8.43 -6.04
C ASP B 23 0.87 8.95 -4.91
N GLY B 24 0.60 10.26 -4.90
CA GLY B 24 -0.10 10.82 -3.74
C GLY B 24 -1.60 10.72 -3.82
N TRP B 25 -2.14 10.22 -4.94
CA TRP B 25 -3.60 10.31 -5.24
C TRP B 25 -4.30 9.05 -5.68
N SER B 26 -3.60 8.17 -6.39
CA SER B 26 -4.27 6.96 -6.96
C SER B 26 -5.02 6.15 -5.92
N MSE B 27 -4.42 5.97 -4.75
CA MSE B 27 -5.15 5.12 -3.71
C MSE B 27 -6.35 5.83 -3.13
O MSE B 27 -7.22 5.20 -2.54
CB MSE B 27 -4.17 4.64 -2.63
CG MSE B 27 -3.26 3.60 -3.13
SE MSE B 27 -4.28 2.15 -3.92
CE MSE B 27 -5.23 1.51 -2.30
N LEU B 28 -6.42 7.15 -3.31
CA LEU B 28 -7.54 7.94 -2.76
C LEU B 28 -8.72 7.91 -3.73
N ILE B 29 -8.40 7.88 -5.03
CA ILE B 29 -9.37 7.63 -6.08
C ILE B 29 -9.95 6.24 -5.84
N VAL B 30 -9.07 5.29 -5.58
CA VAL B 30 -9.52 3.93 -5.27
C VAL B 30 -10.39 3.87 -3.97
N ARG B 31 -9.90 4.49 -2.90
CA ARG B 31 -10.69 4.66 -1.65
C ARG B 31 -12.08 5.18 -2.04
N ASP B 32 -12.15 6.27 -2.79
CA ASP B 32 -13.45 6.88 -3.15
C ASP B 32 -14.34 5.90 -3.98
N ALA B 33 -13.75 5.21 -4.96
CA ALA B 33 -14.49 4.21 -5.72
C ALA B 33 -15.09 3.12 -4.80
N PHE B 34 -14.33 2.71 -3.79
CA PHE B 34 -14.88 1.78 -2.79
C PHE B 34 -15.99 2.39 -1.97
N GLU B 35 -15.96 3.71 -1.81
CA GLU B 35 -17.07 4.40 -1.15
C GLU B 35 -18.27 4.71 -2.05
N GLY B 36 -18.18 4.40 -3.35
CA GLY B 36 -19.34 4.51 -4.24
C GLY B 36 -19.28 5.66 -5.23
N LEU B 37 -18.22 6.48 -5.18
CA LEU B 37 -18.08 7.57 -6.13
C LEU B 37 -17.74 6.97 -7.47
N THR B 38 -18.32 7.51 -8.56
CA THR B 38 -18.08 6.96 -9.90
C THR B 38 -17.85 7.98 -10.99
N ARG B 39 -18.18 9.24 -10.72
CA ARG B 39 -18.17 10.29 -11.76
C ARG B 39 -16.98 11.17 -11.54
N PHE B 40 -16.41 11.67 -12.65
CA PHE B 40 -15.23 12.53 -12.61
C PHE B 40 -15.42 13.70 -11.62
N GLY B 41 -16.57 14.35 -11.71
CA GLY B 41 -16.88 15.47 -10.81
C GLY B 41 -17.02 15.08 -9.35
N GLU B 42 -17.51 13.88 -9.08
CA GLU B 42 -17.53 13.39 -7.69
C GLU B 42 -16.12 13.26 -7.11
N PHE B 43 -15.20 12.67 -7.89
CA PHE B 43 -13.80 12.54 -7.47
C PHE B 43 -13.11 13.86 -7.28
N GLN B 44 -13.25 14.77 -8.24
CA GLN B 44 -12.69 16.11 -8.13
C GLN B 44 -13.06 16.85 -6.82
N LYS B 45 -14.34 16.82 -6.44
CA LYS B 45 -14.84 17.54 -5.25
C LYS B 45 -14.48 16.84 -3.95
N SER B 46 -14.33 15.53 -4.00
CA SER B 46 -13.84 14.76 -2.86
C SER B 46 -12.34 15.03 -2.61
N LEU B 47 -11.58 15.04 -3.68
CA LEU B 47 -10.14 15.07 -3.59
C LEU B 47 -9.63 16.51 -3.55
N GLY B 48 -10.38 17.42 -4.16
CA GLY B 48 -9.99 18.82 -4.26
C GLY B 48 -8.86 18.98 -5.22
N LEU B 49 -8.71 17.97 -6.07
CA LEU B 49 -7.57 17.82 -6.95
C LEU B 49 -7.79 18.56 -8.28
N ALA B 50 -6.77 19.26 -8.78
CA ALA B 50 -6.90 19.99 -10.05
C ALA B 50 -7.35 19.07 -11.20
N LYS B 51 -8.35 19.51 -11.97
CA LYS B 51 -9.00 18.68 -13.01
C LYS B 51 -8.05 17.92 -13.95
N ASN B 52 -6.98 18.60 -14.37
CA ASN B 52 -6.04 18.02 -15.33
C ASN B 52 -5.23 16.94 -14.65
N ILE B 53 -4.92 17.16 -13.37
CA ILE B 53 -4.15 16.21 -12.59
C ILE B 53 -5.03 14.99 -12.24
N LEU B 54 -6.28 15.22 -11.84
CA LEU B 54 -7.22 14.10 -11.68
C LEU B 54 -7.38 13.34 -12.99
N ALA B 55 -7.44 14.07 -14.11
CA ALA B 55 -7.52 13.45 -15.43
C ALA B 55 -6.37 12.49 -15.67
N ALA B 56 -5.14 12.93 -15.44
CA ALA B 56 -3.97 12.07 -15.58
C ALA B 56 -3.93 10.85 -14.63
N ARG B 57 -4.33 11.02 -13.38
CA ARG B 57 -4.34 9.88 -12.48
C ARG B 57 -5.41 8.88 -12.92
N LEU B 58 -6.60 9.36 -13.27
CA LEU B 58 -7.67 8.45 -13.76
C LEU B 58 -7.30 7.77 -15.07
N ARG B 59 -6.72 8.53 -16.01
CA ARG B 59 -6.23 7.98 -17.26
CA ARG B 59 -6.25 7.96 -17.25
C ARG B 59 -5.32 6.78 -16.97
N ASN B 60 -4.36 6.97 -16.06
CA ASN B 60 -3.38 5.94 -15.70
C ASN B 60 -4.00 4.70 -15.07
N LEU B 61 -4.98 4.90 -14.18
CA LEU B 61 -5.70 3.79 -13.59
C LEU B 61 -6.46 3.01 -14.67
N VAL B 62 -6.97 3.71 -15.68
CA VAL B 62 -7.70 3.04 -16.78
C VAL B 62 -6.68 2.29 -17.66
N GLU B 63 -5.55 2.93 -17.96
CA GLU B 63 -4.55 2.31 -18.80
C GLU B 63 -4.00 1.05 -18.13
N HIS B 64 -3.91 1.08 -16.80
CA HIS B 64 -3.40 -0.05 -16.06
C HIS B 64 -4.43 -1.09 -15.69
N GLY B 65 -5.65 -0.92 -16.19
CA GLY B 65 -6.73 -1.87 -15.95
C GLY B 65 -7.24 -1.94 -14.52
N VAL B 66 -7.03 -0.90 -13.73
CA VAL B 66 -7.58 -0.83 -12.37
C VAL B 66 -9.01 -0.31 -12.39
N MSE B 67 -9.28 0.62 -13.31
CA MSE B 67 -10.65 1.07 -13.53
C MSE B 67 -11.07 0.94 -14.98
O MSE B 67 -10.22 0.90 -15.88
CB MSE B 67 -10.82 2.49 -13.06
CG MSE B 67 -10.26 2.63 -11.70
SE MSE B 67 -11.40 3.60 -10.43
CE MSE B 67 -11.02 4.98 -11.10
N VAL B 68 -12.39 0.91 -15.19
CA VAL B 68 -12.98 0.95 -16.53
C VAL B 68 -13.95 2.13 -16.52
N ALA B 69 -13.81 3.00 -17.53
CA ALA B 69 -14.70 4.14 -17.70
C ALA B 69 -15.62 3.82 -18.85
N VAL B 70 -16.91 3.98 -18.58
CA VAL B 70 -17.97 3.58 -19.49
C VAL B 70 -19.10 4.60 -19.37
N PRO B 71 -20.15 4.47 -20.21
CA PRO B 71 -21.33 5.31 -19.99
C PRO B 71 -22.22 4.63 -18.98
N ALA B 72 -22.89 5.42 -18.14
CA ALA B 72 -23.93 4.90 -17.25
C ALA B 72 -25.07 4.23 -18.02
N GLU B 73 -25.83 3.39 -17.33
CA GLU B 73 -26.90 2.60 -17.95
C GLU B 73 -27.90 3.43 -18.77
N SER B 74 -28.28 4.60 -18.25
CA SER B 74 -29.24 5.48 -18.91
C SER B 74 -28.57 6.34 -20.01
N GLY B 75 -27.23 6.32 -20.04
CA GLY B 75 -26.45 7.12 -20.99
C GLY B 75 -26.51 8.59 -20.63
N SER B 76 -26.87 8.87 -19.37
CA SER B 76 -27.00 10.24 -18.88
C SER B 76 -25.67 10.86 -18.51
N HIS B 77 -24.65 10.02 -18.28
CA HIS B 77 -23.31 10.46 -17.92
C HIS B 77 -22.28 9.32 -18.02
N GLN B 78 -21.02 9.64 -17.73
CA GLN B 78 -19.93 8.68 -17.85
C GLN B 78 -19.45 8.28 -16.46
N GLU B 79 -19.25 6.99 -16.23
CA GLU B 79 -18.82 6.54 -14.91
C GLU B 79 -17.51 5.79 -14.99
N TYR B 80 -16.79 5.76 -13.88
CA TYR B 80 -15.60 4.94 -13.72
C TYR B 80 -15.91 3.93 -12.62
N ARG B 81 -15.55 2.67 -12.87
CA ARG B 81 -15.81 1.58 -11.94
C ARG B 81 -14.51 0.80 -11.78
N LEU B 82 -14.30 0.22 -10.60
CA LEU B 82 -13.23 -0.75 -10.36
C LEU B 82 -13.41 -2.03 -11.15
N THR B 83 -12.35 -2.46 -11.84
CA THR B 83 -12.29 -3.80 -12.44
C THR B 83 -12.08 -4.84 -11.34
N ASP B 84 -12.04 -6.13 -11.69
CA ASP B 84 -11.60 -7.13 -10.70
C ASP B 84 -10.20 -6.84 -10.15
N LYS B 85 -9.28 -6.45 -11.02
CA LYS B 85 -7.93 -6.00 -10.60
C LYS B 85 -8.01 -4.84 -9.62
N GLY B 86 -8.84 -3.86 -9.92
CA GLY B 86 -9.08 -2.75 -8.97
C GLY B 86 -9.75 -3.17 -7.65
N ARG B 87 -10.75 -4.05 -7.67
CA ARG B 87 -11.42 -4.47 -6.41
C ARG B 87 -10.46 -5.24 -5.50
N ALA B 88 -9.47 -5.88 -6.13
CA ALA B 88 -8.42 -6.65 -5.46
C ALA B 88 -7.48 -5.76 -4.65
N LEU B 89 -7.60 -4.44 -4.83
CA LEU B 89 -6.83 -3.51 -4.01
C LEU B 89 -7.39 -3.38 -2.59
N PHE B 90 -8.51 -4.01 -2.30
CA PHE B 90 -9.09 -3.86 -0.93
C PHE B 90 -8.16 -4.17 0.25
N PRO B 91 -7.49 -5.31 0.27
CA PRO B 91 -6.57 -5.56 1.41
C PRO B 91 -5.47 -4.48 1.56
N LEU B 92 -4.90 -4.04 0.43
CA LEU B 92 -3.88 -2.98 0.44
C LEU B 92 -4.48 -1.71 0.98
N LEU B 93 -5.68 -1.37 0.55
CA LEU B 93 -6.33 -0.18 1.07
C LEU B 93 -6.55 -0.23 2.60
N VAL B 94 -7.05 -1.35 3.10
CA VAL B 94 -7.19 -1.57 4.55
C VAL B 94 -5.83 -1.46 5.25
N ALA B 95 -4.77 -2.04 4.68
CA ALA B 95 -3.47 -1.97 5.33
C ALA B 95 -3.00 -0.53 5.40
N ILE B 96 -3.17 0.22 4.31
CA ILE B 96 -2.74 1.64 4.34
C ILE B 96 -3.56 2.39 5.40
N ARG B 97 -4.90 2.23 5.36
CA ARG B 97 -5.77 2.84 6.39
C ARG B 97 -5.30 2.53 7.83
N GLN B 98 -5.00 1.26 8.11
CA GLN B 98 -4.69 0.86 9.51
C GLN B 98 -3.33 1.44 9.90
N TRP B 99 -2.44 1.54 8.94
CA TRP B 99 -1.11 2.08 9.26
C TRP B 99 -1.26 3.58 9.55
N GLY B 100 -2.09 4.28 8.75
CA GLY B 100 -2.41 5.69 9.00
C GLY B 100 -3.08 5.89 10.37
N GLU B 101 -4.04 5.01 10.68
CA GLU B 101 -4.71 5.08 12.02
C GLU B 101 -3.68 4.91 13.12
N ASP B 102 -2.73 4.00 12.92
CA ASP B 102 -1.84 3.55 14.00
C ASP B 102 -0.75 4.62 14.25
N TYR B 103 -0.32 5.31 13.18
CA TYR B 103 0.89 6.15 13.26
C TYR B 103 0.79 7.64 12.89
N PHE B 104 -0.33 8.09 12.31
CA PHE B 104 -0.36 9.43 11.73
C PHE B 104 -1.28 10.43 12.41
N PHE B 105 -1.92 10.02 13.51
CA PHE B 105 -2.85 10.88 14.24
C PHE B 105 -2.38 11.11 15.67
N ALA B 106 -2.48 12.36 16.13
CA ALA B 106 -2.19 12.65 17.53
C ALA B 106 -3.30 12.08 18.44
N PRO B 107 -2.99 11.84 19.73
CA PRO B 107 -3.98 11.29 20.66
C PRO B 107 -5.30 12.09 20.66
N ASP B 108 -5.25 13.42 20.53
CA ASP B 108 -6.48 14.21 20.58
C ASP B 108 -7.27 14.28 19.25
N GLU B 109 -6.77 13.68 18.18
CA GLU B 109 -7.46 13.73 16.90
C GLU B 109 -8.41 12.56 16.70
N SER B 110 -9.47 12.76 15.95
CA SER B 110 -10.31 11.63 15.64
C SER B 110 -10.44 11.48 14.14
N HIS B 111 -10.91 10.32 13.72
CA HIS B 111 -11.02 10.04 12.30
C HIS B 111 -12.15 9.04 12.10
N VAL B 112 -12.55 8.90 10.85
CA VAL B 112 -13.58 7.92 10.44
C VAL B 112 -13.08 6.50 10.71
N ARG B 113 -13.99 5.53 10.71
CA ARG B 113 -13.60 4.13 10.92
C ARG B 113 -14.13 3.30 9.78
N LEU B 114 -13.42 2.23 9.45
CA LEU B 114 -13.98 1.25 8.54
C LEU B 114 -14.62 0.20 9.40
N VAL B 115 -15.94 -0.03 9.18
CA VAL B 115 -16.77 -0.88 9.99
C VAL B 115 -17.50 -1.94 9.13
N GLU B 116 -17.91 -3.05 9.76
CA GLU B 116 -18.76 -4.00 9.12
C GLU B 116 -20.16 -3.35 8.83
N ARG B 117 -20.67 -3.45 7.62
CA ARG B 117 -21.99 -2.82 7.29
C ARG B 117 -23.08 -3.26 8.29
N ASP B 118 -23.23 -4.58 8.48
CA ASP B 118 -24.11 -5.15 9.48
C ASP B 118 -23.28 -5.50 10.70
N SER B 119 -23.21 -4.57 11.66
CA SER B 119 -22.49 -4.66 12.95
C SER B 119 -22.31 -3.20 13.33
N GLY B 120 -21.66 -2.47 12.42
CA GLY B 120 -21.15 -1.15 12.70
C GLY B 120 -19.88 -1.30 13.52
N GLN B 121 -19.47 -2.55 13.76
CA GLN B 121 -18.28 -2.88 14.50
C GLN B 121 -17.05 -2.60 13.64
N PRO B 122 -16.00 -2.00 14.21
CA PRO B 122 -14.81 -1.73 13.39
C PRO B 122 -14.20 -3.01 12.80
N VAL B 123 -13.76 -2.94 11.56
CA VAL B 123 -13.07 -4.06 10.94
C VAL B 123 -11.76 -4.32 11.69
N PRO B 124 -11.48 -5.59 12.04
CA PRO B 124 -10.29 -5.94 12.80
C PRO B 124 -8.98 -5.65 12.09
N ARG B 125 -7.90 -5.56 12.86
CA ARG B 125 -6.55 -5.39 12.26
C ARG B 125 -6.25 -6.51 11.27
N LEU B 126 -5.83 -6.13 10.07
CA LEU B 126 -5.42 -7.06 9.01
CA LEU B 126 -5.37 -7.02 9.00
C LEU B 126 -4.01 -7.62 9.24
N GLN B 127 -3.94 -8.90 9.64
CA GLN B 127 -2.64 -9.54 9.94
C GLN B 127 -2.10 -10.52 8.91
N VAL B 128 -0.77 -10.62 8.86
CA VAL B 128 -0.13 -11.65 8.07
C VAL B 128 -0.21 -12.92 8.90
N ARG B 129 -0.64 -14.03 8.27
CA ARG B 129 -0.76 -15.30 8.94
C ARG B 129 0.01 -16.42 8.26
N ALA B 130 0.41 -17.40 9.05
CA ALA B 130 1.11 -18.54 8.51
C ALA B 130 0.11 -19.57 7.95
N GLY B 131 0.65 -20.59 7.27
CA GLY B 131 -0.20 -21.68 6.77
C GLY B 131 -1.12 -22.32 7.82
N ASP B 132 -0.65 -22.43 9.05
CA ASP B 132 -1.51 -22.95 10.15
C ASP B 132 -2.55 -21.95 10.69
N GLY B 133 -2.53 -20.73 10.19
CA GLY B 133 -3.49 -19.70 10.61
C GLY B 133 -3.03 -18.80 11.76
N SER B 134 -1.86 -19.10 12.33
CA SER B 134 -1.28 -18.29 13.40
C SER B 134 -0.62 -16.98 12.84
N PRO B 135 -0.54 -15.92 13.68
CA PRO B 135 0.08 -14.65 13.31
C PRO B 135 1.52 -14.88 12.84
N LEU B 136 1.92 -14.28 11.73
CA LEU B 136 3.29 -14.50 11.22
C LEU B 136 4.00 -13.16 11.20
N ALA B 137 5.11 -13.08 11.93
CA ALA B 137 5.93 -11.87 12.00
C ALA B 137 6.94 -11.79 10.86
N ALA B 138 7.39 -10.57 10.56
CA ALA B 138 8.25 -10.35 9.42
C ALA B 138 9.53 -11.19 9.49
N GLU B 139 10.09 -11.26 10.68
CA GLU B 139 11.34 -11.99 10.86
C GLU B 139 11.24 -13.50 10.64
N ASP B 140 10.02 -14.03 10.70
CA ASP B 140 9.75 -15.45 10.42
C ASP B 140 9.46 -15.74 8.95
N THR B 141 9.71 -14.75 8.09
CA THR B 141 9.59 -14.95 6.67
C THR B 141 10.92 -14.64 6.00
N ARG B 142 11.03 -15.03 4.73
CA ARG B 142 12.14 -14.64 3.91
C ARG B 142 11.69 -14.58 2.47
N VAL B 143 12.44 -13.86 1.65
CA VAL B 143 12.19 -13.80 0.20
C VAL B 143 13.12 -14.76 -0.51
N SER B 144 12.53 -15.66 -1.30
CA SER B 144 13.27 -16.69 -2.02
C SER B 144 13.23 -16.48 -3.52
N ARG B 145 14.39 -16.68 -4.15
CA ARG B 145 14.57 -16.40 -5.57
C ARG B 145 13.83 -17.35 -6.54
S SO4 C . 28.31 2.67 2.94
O1 SO4 C . 27.79 2.52 4.31
O2 SO4 C . 29.78 2.62 3.04
O3 SO4 C . 27.89 1.57 2.06
O4 SO4 C . 27.89 3.96 2.40
S SO4 D . 17.84 -14.29 4.16
O1 SO4 D . 18.27 -15.10 5.30
O2 SO4 D . 18.90 -13.32 3.79
O3 SO4 D . 17.56 -15.15 3.01
O4 SO4 D . 16.63 -13.58 4.54
C1 GLC E . -6.19 0.70 16.26
C2 GLC E . -5.57 2.07 15.93
C3 GLC E . -6.60 3.09 16.45
C4 GLC E . -7.71 3.05 15.39
C5 GLC E . -8.32 1.64 15.39
C6 GLC E . -9.23 1.50 14.17
O1 GLC E . -6.49 0.50 17.65
O2 GLC E . -4.24 2.26 16.39
O3 GLC E . -6.11 4.39 16.70
O4 GLC E . -8.68 4.05 15.67
O5 GLC E . -7.40 0.55 15.50
O6 GLC E . -8.87 0.51 13.22
S SO4 F . -5.49 -3.60 18.04
O1 SO4 F . -6.58 -3.51 19.00
O2 SO4 F . -4.33 -4.20 18.70
O3 SO4 F . -5.89 -4.42 16.90
O4 SO4 F . -5.17 -2.26 17.58
S SO4 G . -19.15 14.48 -14.23
O1 SO4 G . -19.33 14.32 -12.80
O2 SO4 G . -17.76 14.72 -14.55
O3 SO4 G . -19.62 13.26 -14.90
O4 SO4 G . -19.95 15.62 -14.68
#